data_4ART
#
_entry.id   4ART
#
_cell.length_a   78.620
_cell.length_b   78.620
_cell.length_c   189.420
_cell.angle_alpha   90.00
_cell.angle_beta   90.00
_cell.angle_gamma   90.00
#
_symmetry.space_group_name_H-M   'P 41 21 2'
#
loop_
_entity.id
_entity.type
_entity.pdbx_description
1 polymer 'STRUCTURAL PROTEIN ORF273'
2 non-polymer GLYCEROL
3 non-polymer 'SULFATE ION'
4 water water
#
_entity_poly.entity_id   1
_entity_poly.type   'polypeptide(L)'
_entity_poly.pdbx_seq_one_letter_code
;MGEKITEEREFQSISEIPEEEIDATNDEEKLADIVENEIEKEIRKSKTRKCKTIENFYYYILRDGKIYPASDYDIEVEKG
KRSANDIYAFVETDVTRDFDEFLFDIDYGLPSISDILKFYLEKAGFRIANEVPTPNLKYYIHAVVEFGEDRPQYLAVNIY
DIDSLARALRIPQIVEQKLGNKPRTITADEFNDIERIVAEEQPILAGYTYDEALRIPYHYYVDHNNSFKDDALKIAHAYL
QLFPTPYQVCYEWKARWFNKIDCLKLERLKPSSHHHHHH
;
_entity_poly.pdbx_strand_id   A,B
#
loop_
_chem_comp.id
_chem_comp.type
_chem_comp.name
_chem_comp.formula
GOL non-polymer GLYCEROL 'C3 H8 O3'
SO4 non-polymer 'SULFATE ION' 'O4 S -2'
#
# COMPACT_ATOMS: atom_id res chain seq x y z
N ILE A 22 12.33 -13.50 27.57
CA ILE A 22 12.55 -13.24 29.00
C ILE A 22 11.76 -12.00 29.45
N ASP A 23 12.45 -10.87 29.73
CA ASP A 23 11.80 -9.61 30.08
C ASP A 23 11.31 -8.97 28.79
N ALA A 24 11.80 -9.50 27.62
CA ALA A 24 11.37 -9.07 26.30
C ALA A 24 9.86 -9.35 26.21
N THR A 25 9.40 -10.58 26.57
CA THR A 25 7.97 -10.89 26.52
C THR A 25 7.14 -10.01 27.44
N ASN A 26 7.67 -9.69 28.64
CA ASN A 26 7.00 -8.78 29.59
C ASN A 26 6.87 -7.39 29.01
N ASP A 27 7.94 -6.88 28.39
CA ASP A 27 7.95 -5.56 27.71
C ASP A 27 6.96 -5.54 26.56
N GLU A 28 6.88 -6.64 25.79
CA GLU A 28 5.97 -6.71 24.64
C GLU A 28 4.52 -6.72 25.08
N GLU A 29 4.21 -7.41 26.20
CA GLU A 29 2.84 -7.42 26.73
C GLU A 29 2.46 -5.99 27.14
N LYS A 30 3.38 -5.27 27.81
CA LYS A 30 3.22 -3.88 28.24
C LYS A 30 2.97 -2.96 27.04
N LEU A 31 3.73 -3.15 25.97
CA LEU A 31 3.61 -2.36 24.76
C LEU A 31 2.25 -2.52 24.09
N ALA A 32 1.74 -3.78 24.02
CA ALA A 32 0.45 -4.09 23.42
C ALA A 32 -0.71 -3.43 24.21
N ASP A 33 -0.64 -3.44 25.56
CA ASP A 33 -1.65 -2.75 26.38
C ASP A 33 -1.58 -1.22 26.19
N ILE A 34 -0.36 -0.65 26.00
CA ILE A 34 -0.18 0.78 25.72
C ILE A 34 -0.91 1.13 24.40
N VAL A 35 -0.70 0.32 23.35
CA VAL A 35 -1.35 0.52 22.02
C VAL A 35 -2.85 0.36 22.18
N GLU A 36 -3.32 -0.75 22.77
CA GLU A 36 -4.74 -1.00 23.01
C GLU A 36 -5.45 0.15 23.74
N ASN A 37 -4.83 0.66 24.82
CA ASN A 37 -5.39 1.74 25.63
C ASN A 37 -5.58 3.00 24.84
N GLU A 38 -4.63 3.27 23.93
CA GLU A 38 -4.67 4.43 23.07
C GLU A 38 -5.76 4.27 21.98
N ILE A 39 -5.81 3.13 21.24
CA ILE A 39 -6.85 2.90 20.22
C ILE A 39 -8.24 3.05 20.87
N GLU A 40 -8.43 2.42 22.05
CA GLU A 40 -9.66 2.45 22.82
C GLU A 40 -10.06 3.91 23.12
N LYS A 41 -9.11 4.71 23.69
CA LYS A 41 -9.26 6.15 24.03
C LYS A 41 -9.70 6.94 22.81
N GLU A 42 -9.08 6.66 21.65
CA GLU A 42 -9.38 7.29 20.37
C GLU A 42 -10.78 6.94 19.86
N ILE A 43 -11.20 5.67 20.01
CA ILE A 43 -12.53 5.23 19.58
C ILE A 43 -13.66 5.96 20.34
N ARG A 44 -13.61 5.94 21.69
CA ARG A 44 -14.60 6.58 22.58
C ARG A 44 -14.82 8.09 22.32
N LYS A 45 -13.88 8.75 21.62
CA LYS A 45 -13.96 10.17 21.26
C LYS A 45 -13.90 10.41 19.75
N ILE A 54 -9.96 6.41 14.70
CA ILE A 54 -9.71 6.64 13.27
C ILE A 54 -8.96 7.99 13.04
N GLU A 55 -8.58 8.70 14.12
CA GLU A 55 -7.91 10.01 14.05
C GLU A 55 -6.42 9.93 13.71
N ASN A 56 -5.68 9.08 14.43
CA ASN A 56 -4.23 8.92 14.23
C ASN A 56 -3.87 7.49 13.85
N PHE A 57 -3.01 7.37 12.83
CA PHE A 57 -2.49 6.10 12.35
C PHE A 57 -1.06 5.80 12.80
N TYR A 58 -0.26 6.84 13.08
CA TYR A 58 1.14 6.65 13.47
C TYR A 58 1.42 7.19 14.85
N TYR A 59 2.17 6.42 15.65
CA TYR A 59 2.50 6.82 17.01
C TYR A 59 3.92 6.46 17.38
N TYR A 60 4.44 7.13 18.41
CA TYR A 60 5.69 6.74 19.02
C TYR A 60 5.41 6.33 20.47
N ILE A 61 6.09 5.31 20.95
CA ILE A 61 6.04 4.90 22.34
C ILE A 61 7.42 5.23 22.87
N LEU A 62 7.45 6.02 23.94
CA LEU A 62 8.68 6.45 24.58
C LEU A 62 9.15 5.38 25.55
N ARG A 63 10.41 5.50 25.97
CA ARG A 63 11.05 4.52 26.82
C ARG A 63 10.33 4.45 28.21
N ASP A 64 9.60 5.52 28.59
CA ASP A 64 8.81 5.63 29.82
C ASP A 64 7.37 5.11 29.63
N GLY A 65 7.08 4.58 28.45
CA GLY A 65 5.77 4.02 28.12
C GLY A 65 4.72 5.00 27.63
N LYS A 66 5.04 6.28 27.54
CA LYS A 66 4.08 7.26 27.01
C LYS A 66 3.90 7.11 25.52
N ILE A 67 2.65 7.28 25.06
CA ILE A 67 2.32 7.15 23.65
C ILE A 67 1.88 8.50 23.05
N TYR A 68 2.45 8.90 21.90
CA TYR A 68 2.08 10.14 21.24
C TYR A 68 1.88 9.96 19.75
N PRO A 69 0.92 10.69 19.10
CA PRO A 69 0.81 10.66 17.64
C PRO A 69 2.13 11.17 17.06
N ALA A 70 2.74 10.41 16.12
CA ALA A 70 4.06 10.69 15.53
C ALA A 70 4.24 12.07 14.84
N SER A 71 3.20 12.54 14.14
CA SER A 71 3.19 13.82 13.43
C SER A 71 3.41 14.98 14.39
N ASP A 72 2.66 15.00 15.51
CA ASP A 72 2.75 16.03 16.56
C ASP A 72 4.14 15.95 17.22
N TYR A 73 4.58 14.73 17.57
CA TYR A 73 5.86 14.48 18.24
C TYR A 73 7.04 15.00 17.44
N ASP A 74 7.00 14.79 16.11
CA ASP A 74 8.01 15.29 15.17
C ASP A 74 8.14 16.80 15.21
N ILE A 75 6.99 17.54 15.41
CA ILE A 75 6.95 19.00 15.51
C ILE A 75 7.61 19.43 16.83
N GLU A 76 7.29 18.73 17.93
CA GLU A 76 7.88 18.97 19.26
C GLU A 76 9.40 18.73 19.26
N VAL A 77 9.89 17.78 18.46
CA VAL A 77 11.32 17.50 18.30
C VAL A 77 11.96 18.70 17.56
N GLU A 78 11.32 19.10 16.44
CA GLU A 78 11.68 20.24 15.57
C GLU A 78 11.77 21.57 16.35
N LYS A 79 11.07 21.66 17.52
CA LYS A 79 11.00 22.80 18.44
C LYS A 79 12.01 22.69 19.57
N GLY A 80 12.54 21.51 19.79
CA GLY A 80 13.49 21.25 20.87
C GLY A 80 12.81 20.90 22.18
N LYS A 81 11.47 20.69 22.14
CA LYS A 81 10.66 20.32 23.31
C LYS A 81 10.82 18.85 23.64
N ARG A 82 10.72 17.97 22.63
CA ARG A 82 10.86 16.52 22.80
C ARG A 82 12.13 16.02 22.08
N SER A 83 12.62 14.83 22.44
CA SER A 83 13.79 14.25 21.80
C SER A 83 13.49 12.97 21.06
N ALA A 84 14.01 12.89 19.85
CA ALA A 84 13.89 11.71 18.99
C ALA A 84 14.62 10.51 19.65
N ASN A 85 15.54 10.80 20.61
CA ASN A 85 16.31 9.80 21.36
C ASN A 85 15.45 9.01 22.33
N ASP A 86 14.31 9.57 22.73
CA ASP A 86 13.35 8.94 23.67
C ASP A 86 12.42 7.92 23.02
N ILE A 87 12.36 7.89 21.67
CA ILE A 87 11.48 6.97 20.93
C ILE A 87 11.98 5.53 21.10
N TYR A 88 11.12 4.66 21.62
CA TYR A 88 11.41 3.26 21.88
C TYR A 88 10.71 2.32 20.87
N ALA A 89 9.48 2.67 20.46
CA ALA A 89 8.68 1.89 19.52
C ALA A 89 7.93 2.80 18.58
N PHE A 90 7.81 2.37 17.32
CA PHE A 90 7.05 3.07 16.27
C PHE A 90 5.80 2.23 16.01
N VAL A 91 4.63 2.88 16.00
CA VAL A 91 3.35 2.20 15.81
C VAL A 91 2.70 2.65 14.51
N GLU A 92 2.32 1.68 13.66
CA GLU A 92 1.59 1.91 12.43
C GLU A 92 0.21 1.24 12.60
N THR A 93 -0.85 2.03 12.53
CA THR A 93 -2.21 1.55 12.65
C THR A 93 -2.91 1.51 11.28
N ASP A 94 -3.40 0.32 10.91
CA ASP A 94 -4.17 0.12 9.68
C ASP A 94 -5.59 -0.14 10.16
N VAL A 95 -6.56 0.33 9.40
CA VAL A 95 -7.97 0.14 9.69
C VAL A 95 -8.60 -0.62 8.53
N THR A 96 -9.34 -1.68 8.84
CA THR A 96 -9.93 -2.52 7.80
C THR A 96 -11.41 -2.79 8.07
N ARG A 97 -12.14 -3.17 7.01
CA ARG A 97 -13.56 -3.49 7.04
C ARG A 97 -13.84 -4.86 6.39
N ASP A 98 -12.78 -5.52 5.89
CA ASP A 98 -12.83 -6.84 5.26
C ASP A 98 -12.06 -7.80 6.15
N PHE A 99 -12.70 -8.90 6.56
CA PHE A 99 -12.12 -9.89 7.45
C PHE A 99 -10.90 -10.61 6.91
N ASP A 100 -10.91 -10.94 5.63
CA ASP A 100 -9.82 -11.63 4.95
C ASP A 100 -8.56 -10.76 4.92
N GLU A 101 -8.75 -9.45 4.69
CA GLU A 101 -7.68 -8.45 4.64
C GLU A 101 -7.12 -8.23 6.03
N PHE A 102 -8.00 -8.17 7.04
CA PHE A 102 -7.63 -8.07 8.46
C PHE A 102 -6.70 -9.22 8.82
N LEU A 103 -7.09 -10.46 8.51
CA LEU A 103 -6.27 -11.65 8.82
C LEU A 103 -4.96 -11.63 8.06
N PHE A 104 -5.00 -11.19 6.79
CA PHE A 104 -3.79 -11.09 5.99
C PHE A 104 -2.81 -10.04 6.56
N ASP A 105 -3.33 -8.87 6.96
CA ASP A 105 -2.54 -7.81 7.57
C ASP A 105 -1.91 -8.28 8.88
N ILE A 106 -2.64 -9.09 9.70
CA ILE A 106 -2.18 -9.68 10.98
C ILE A 106 -1.00 -10.61 10.75
N ASP A 107 -1.17 -11.54 9.81
CA ASP A 107 -0.24 -12.61 9.49
C ASP A 107 0.97 -12.23 8.60
N TYR A 108 0.83 -11.15 7.79
CA TYR A 108 1.87 -10.66 6.86
C TYR A 108 2.08 -9.14 6.88
N GLY A 109 1.54 -8.45 7.88
CA GLY A 109 1.64 -7.00 8.01
C GLY A 109 2.99 -6.53 8.47
N LEU A 110 4.03 -6.90 7.70
CA LEU A 110 5.40 -6.52 7.98
C LEU A 110 5.57 -5.03 7.80
N PRO A 111 6.45 -4.42 8.58
CA PRO A 111 6.78 -3.02 8.33
C PRO A 111 7.34 -2.85 6.95
N SER A 112 7.12 -1.66 6.44
CA SER A 112 7.64 -1.13 5.21
C SER A 112 9.17 -1.35 5.20
N ILE A 113 9.74 -1.75 4.03
CA ILE A 113 11.18 -1.97 3.86
C ILE A 113 11.93 -0.67 4.20
N SER A 114 11.40 0.45 3.69
CA SER A 114 11.94 1.78 3.91
C SER A 114 12.13 2.05 5.40
N ASP A 115 11.11 1.78 6.19
CA ASP A 115 11.13 1.98 7.64
C ASP A 115 12.18 1.13 8.35
N ILE A 116 12.23 -0.19 8.10
CA ILE A 116 13.21 -1.09 8.76
C ILE A 116 14.63 -0.73 8.40
N LEU A 117 14.87 -0.43 7.13
CA LEU A 117 16.20 -0.01 6.68
C LEU A 117 16.60 1.28 7.39
N LYS A 118 15.69 2.30 7.42
CA LYS A 118 15.93 3.58 8.08
C LYS A 118 16.24 3.34 9.56
N PHE A 119 15.38 2.58 10.24
CA PHE A 119 15.50 2.24 11.65
C PHE A 119 16.82 1.49 11.93
N TYR A 120 17.22 0.50 11.08
CA TYR A 120 18.49 -0.23 11.26
C TYR A 120 19.67 0.70 11.09
N LEU A 121 19.70 1.47 9.96
CA LEU A 121 20.79 2.39 9.68
C LEU A 121 21.07 3.35 10.83
N GLU A 122 20.01 3.96 11.36
CA GLU A 122 20.10 4.93 12.47
C GLU A 122 20.50 4.32 13.79
N LYS A 123 20.04 3.09 14.04
CA LYS A 123 20.36 2.35 15.26
C LYS A 123 21.84 1.95 15.21
N ALA A 124 22.39 1.68 14.01
CA ALA A 124 23.78 1.30 13.78
C ALA A 124 24.76 2.49 13.77
N GLY A 125 24.23 3.72 13.85
CA GLY A 125 25.04 4.92 13.89
C GLY A 125 25.10 5.71 12.60
N PHE A 126 24.55 5.17 11.50
CA PHE A 126 24.53 5.90 10.23
C PHE A 126 23.47 7.04 10.30
N ARG A 127 23.69 8.11 9.54
CA ARG A 127 22.78 9.26 9.42
C ARG A 127 22.35 9.35 7.95
N ILE A 128 21.04 9.48 7.68
CA ILE A 128 20.51 9.58 6.31
C ILE A 128 20.35 11.06 6.03
N ALA A 129 21.23 11.58 5.15
CA ALA A 129 21.29 12.99 4.74
C ALA A 129 21.06 13.94 5.94
N ASN A 130 20.14 14.91 5.84
CA ASN A 130 19.93 15.83 6.97
C ASN A 130 18.75 15.47 7.88
N GLU A 131 18.24 14.25 7.76
CA GLU A 131 17.13 13.76 8.58
C GLU A 131 17.47 13.43 10.04
N VAL A 132 16.51 13.70 10.96
CA VAL A 132 16.64 13.53 12.41
C VAL A 132 16.60 12.05 12.75
N PRO A 133 17.71 11.50 13.30
CA PRO A 133 17.74 10.06 13.59
C PRO A 133 16.92 9.65 14.83
N THR A 134 16.49 8.38 14.86
CA THR A 134 15.76 7.73 15.98
C THR A 134 16.68 6.55 16.38
N PRO A 135 17.80 6.84 17.09
CA PRO A 135 18.78 5.79 17.36
C PRO A 135 18.41 4.72 18.38
N ASN A 136 17.44 4.96 19.28
CA ASN A 136 17.14 4.01 20.37
C ASN A 136 15.83 3.18 20.21
N LEU A 137 15.34 3.15 18.97
CA LEU A 137 14.14 2.44 18.58
C LEU A 137 14.40 0.94 18.62
N LYS A 138 13.61 0.21 19.40
CA LYS A 138 13.78 -1.25 19.51
C LYS A 138 12.67 -2.00 18.76
N TYR A 139 11.44 -1.47 18.79
CA TYR A 139 10.30 -2.16 18.21
C TYR A 139 9.53 -1.45 17.15
N TYR A 140 9.02 -2.25 16.21
CA TYR A 140 8.10 -1.80 15.20
C TYR A 140 6.77 -2.49 15.52
N ILE A 141 5.71 -1.70 15.67
CA ILE A 141 4.39 -2.26 16.03
C ILE A 141 3.37 -1.98 14.93
N HIS A 142 2.69 -3.04 14.50
CA HIS A 142 1.63 -2.93 13.52
C HIS A 142 0.34 -3.31 14.20
N ALA A 143 -0.56 -2.31 14.35
CA ALA A 143 -1.88 -2.49 14.98
C ALA A 143 -2.91 -2.50 13.88
N VAL A 144 -3.80 -3.49 13.87
CA VAL A 144 -4.85 -3.59 12.84
C VAL A 144 -6.20 -3.62 13.51
N VAL A 145 -7.05 -2.67 13.14
CA VAL A 145 -8.41 -2.59 13.67
C VAL A 145 -9.40 -3.00 12.59
N GLU A 146 -10.27 -3.97 12.91
CA GLU A 146 -11.33 -4.47 12.05
C GLU A 146 -12.68 -3.82 12.46
N PHE A 147 -13.35 -3.14 11.50
CA PHE A 147 -14.66 -2.49 11.73
C PHE A 147 -15.86 -3.31 11.27
N PRO A 152 -16.54 -0.74 15.52
CA PRO A 152 -15.32 -1.54 15.73
C PRO A 152 -15.63 -2.94 16.25
N GLN A 153 -14.88 -3.93 15.77
CA GLN A 153 -15.07 -5.32 16.17
C GLN A 153 -13.81 -5.90 16.84
N TYR A 154 -12.63 -5.79 16.18
CA TYR A 154 -11.40 -6.38 16.71
C TYR A 154 -10.16 -5.53 16.54
N LEU A 155 -9.17 -5.80 17.39
CA LEU A 155 -7.84 -5.21 17.36
C LEU A 155 -6.82 -6.32 17.47
N ALA A 156 -5.78 -6.26 16.63
CA ALA A 156 -4.64 -7.17 16.66
C ALA A 156 -3.39 -6.30 16.69
N VAL A 157 -2.51 -6.58 17.63
CA VAL A 157 -1.29 -5.81 17.80
C VAL A 157 -0.14 -6.80 17.54
N ASN A 158 0.71 -6.49 16.56
CA ASN A 158 1.89 -7.29 16.18
C ASN A 158 3.17 -6.53 16.50
N ILE A 159 4.01 -7.09 17.37
CA ILE A 159 5.25 -6.47 17.81
C ILE A 159 6.47 -7.15 17.20
N TYR A 160 7.25 -6.39 16.43
CA TYR A 160 8.46 -6.89 15.78
C TYR A 160 9.67 -6.25 16.40
N ASP A 161 10.70 -7.03 16.63
CA ASP A 161 12.00 -6.57 17.11
C ASP A 161 12.72 -6.12 15.84
N ILE A 162 13.11 -4.84 15.76
CA ILE A 162 13.74 -4.26 14.56
C ILE A 162 15.05 -4.94 14.16
N ASP A 163 15.95 -5.23 15.12
CA ASP A 163 17.24 -5.88 14.86
C ASP A 163 17.05 -7.24 14.22
N SER A 164 16.13 -8.04 14.78
CA SER A 164 15.82 -9.40 14.36
C SER A 164 15.28 -9.38 12.96
N LEU A 165 14.35 -8.45 12.70
CA LEU A 165 13.78 -8.27 11.39
C LEU A 165 14.84 -7.86 10.35
N ALA A 166 15.70 -6.88 10.70
CA ALA A 166 16.76 -6.40 9.80
C ALA A 166 17.71 -7.55 9.42
N ARG A 167 18.09 -8.41 10.41
CA ARG A 167 18.95 -9.56 10.20
C ARG A 167 18.33 -10.57 9.25
N ALA A 168 17.03 -10.89 9.41
CA ALA A 168 16.31 -11.84 8.54
C ALA A 168 16.21 -11.30 7.11
N LEU A 169 16.19 -9.97 6.96
CA LEU A 169 16.11 -9.29 5.67
C LEU A 169 17.50 -9.13 5.07
N ARG A 170 18.55 -9.56 5.80
CA ARG A 170 19.98 -9.52 5.45
C ARG A 170 20.47 -8.08 5.32
N ILE A 171 19.73 -7.14 5.92
CA ILE A 171 20.08 -5.73 5.92
C ILE A 171 21.51 -5.48 6.43
N PRO A 172 22.00 -6.07 7.57
CA PRO A 172 23.36 -5.77 8.02
C PRO A 172 24.47 -6.11 7.02
N GLN A 173 24.36 -7.30 6.36
CA GLN A 173 25.30 -7.78 5.34
C GLN A 173 25.31 -6.87 4.12
N ILE A 174 24.13 -6.44 3.64
CA ILE A 174 23.99 -5.55 2.47
C ILE A 174 24.55 -4.15 2.75
N VAL A 175 24.30 -3.60 3.97
CA VAL A 175 24.79 -2.30 4.46
C VAL A 175 26.31 -2.39 4.56
N GLU A 176 26.85 -3.51 5.09
CA GLU A 176 28.30 -3.71 5.23
C GLU A 176 28.99 -3.78 3.87
N GLN A 177 28.43 -4.55 2.93
CA GLN A 177 28.97 -4.70 1.58
C GLN A 177 28.98 -3.35 0.83
N LYS A 178 27.90 -2.56 0.98
CA LYS A 178 27.76 -1.27 0.28
C LYS A 178 28.40 -0.06 0.98
N LEU A 179 28.31 0.04 2.31
CA LEU A 179 28.80 1.22 3.05
C LEU A 179 30.02 1.02 3.91
N GLY A 180 30.26 -0.20 4.33
CA GLY A 180 31.34 -0.50 5.26
C GLY A 180 30.83 -0.56 6.68
N ASN A 181 31.73 -0.82 7.64
CA ASN A 181 31.31 -0.95 9.03
C ASN A 181 31.28 0.37 9.80
N LYS A 182 32.07 1.35 9.35
CA LYS A 182 32.13 2.65 10.00
C LYS A 182 30.88 3.50 9.68
N PRO A 183 30.10 3.88 10.72
CA PRO A 183 28.92 4.75 10.48
C PRO A 183 29.35 6.17 10.11
N ARG A 184 28.56 6.80 9.22
CA ARG A 184 28.67 8.10 8.59
C ARG A 184 27.28 8.54 8.05
N THR A 185 27.21 9.76 7.51
CA THR A 185 26.01 10.27 6.86
C THR A 185 26.01 9.68 5.45
N ILE A 186 24.91 9.06 5.04
CA ILE A 186 24.77 8.51 3.70
C ILE A 186 23.85 9.43 2.86
N THR A 187 23.97 9.38 1.54
CA THR A 187 23.11 10.17 0.67
C THR A 187 21.76 9.41 0.48
N ALA A 188 20.75 10.11 -0.09
CA ALA A 188 19.45 9.52 -0.45
C ALA A 188 19.67 8.42 -1.51
N ASP A 189 20.62 8.68 -2.44
CA ASP A 189 20.99 7.73 -3.49
C ASP A 189 21.51 6.42 -2.92
N GLU A 190 22.36 6.51 -1.88
CA GLU A 190 22.93 5.34 -1.19
C GLU A 190 21.85 4.56 -0.46
N PHE A 191 20.91 5.26 0.15
CA PHE A 191 19.78 4.64 0.83
C PHE A 191 18.97 3.86 -0.22
N ASN A 192 18.65 4.50 -1.36
CA ASN A 192 17.89 3.91 -2.46
C ASN A 192 18.55 2.67 -3.06
N ASP A 193 19.88 2.72 -3.27
CA ASP A 193 20.68 1.61 -3.80
C ASP A 193 20.58 0.41 -2.89
N ILE A 194 20.68 0.63 -1.55
CA ILE A 194 20.55 -0.45 -0.56
C ILE A 194 19.12 -1.00 -0.58
N GLU A 195 18.13 -0.11 -0.52
CA GLU A 195 16.72 -0.48 -0.55
C GLU A 195 16.36 -1.39 -1.74
N ARG A 196 16.85 -1.04 -2.94
CA ARG A 196 16.63 -1.80 -4.17
C ARG A 196 17.13 -3.27 -4.05
N ILE A 197 18.37 -3.46 -3.54
CA ILE A 197 18.96 -4.79 -3.32
C ILE A 197 18.12 -5.64 -2.34
N VAL A 198 17.76 -5.05 -1.19
CA VAL A 198 17.01 -5.71 -0.10
C VAL A 198 15.63 -6.17 -0.60
N ALA A 199 14.90 -5.27 -1.28
CA ALA A 199 13.51 -5.51 -1.67
C ALA A 199 13.25 -6.14 -3.01
N GLU A 200 14.10 -5.85 -3.99
CA GLU A 200 13.88 -6.23 -5.41
C GLU A 200 14.94 -7.12 -6.05
N GLU A 201 16.06 -7.37 -5.37
CA GLU A 201 17.13 -8.17 -5.99
C GLU A 201 17.43 -9.51 -5.36
N GLN A 202 17.69 -9.51 -4.04
CA GLN A 202 18.05 -10.76 -3.36
C GLN A 202 16.89 -11.75 -3.24
N PRO A 203 17.09 -13.07 -3.50
CA PRO A 203 16.01 -14.01 -3.18
C PRO A 203 16.03 -14.17 -1.65
N ILE A 204 14.97 -13.75 -1.02
CA ILE A 204 14.90 -13.79 0.43
C ILE A 204 13.99 -14.91 0.96
N LEU A 205 12.86 -15.24 0.27
CA LEU A 205 11.90 -16.24 0.78
C LEU A 205 11.48 -17.19 -0.31
N ALA A 206 11.78 -18.50 -0.14
CA ALA A 206 11.49 -19.57 -1.09
C ALA A 206 11.91 -19.21 -2.56
N GLY A 207 13.05 -18.53 -2.69
CA GLY A 207 13.61 -18.14 -3.98
C GLY A 207 13.08 -16.84 -4.56
N TYR A 208 12.15 -16.20 -3.86
CA TYR A 208 11.53 -14.96 -4.33
C TYR A 208 12.17 -13.76 -3.70
N THR A 209 12.18 -12.67 -4.46
CA THR A 209 12.61 -11.37 -3.95
C THR A 209 11.52 -10.97 -2.95
N TYR A 210 11.81 -10.01 -2.08
CA TYR A 210 10.86 -9.55 -1.04
C TYR A 210 9.57 -9.01 -1.63
N ASP A 211 9.66 -8.22 -2.71
CA ASP A 211 8.47 -7.63 -3.32
C ASP A 211 7.53 -8.69 -3.90
N GLU A 212 8.08 -9.77 -4.48
CA GLU A 212 7.27 -10.91 -4.96
C GLU A 212 6.64 -11.62 -3.74
N ALA A 213 7.39 -11.73 -2.64
CA ALA A 213 6.92 -12.39 -1.41
C ALA A 213 5.77 -11.63 -0.73
N LEU A 214 5.63 -10.33 -1.01
CA LEU A 214 4.51 -9.57 -0.47
C LEU A 214 3.30 -9.85 -1.39
N ARG A 215 3.50 -9.73 -2.72
CA ARG A 215 2.48 -9.87 -3.78
C ARG A 215 1.80 -11.22 -3.89
N ILE A 216 2.56 -12.33 -3.95
CA ILE A 216 1.99 -13.67 -4.08
C ILE A 216 0.95 -14.05 -2.98
N PRO A 217 1.23 -13.89 -1.66
CA PRO A 217 0.19 -14.22 -0.67
C PRO A 217 -0.97 -13.21 -0.72
N TYR A 218 -0.72 -11.96 -1.20
CA TYR A 218 -1.78 -10.98 -1.36
C TYR A 218 -2.72 -11.46 -2.47
N HIS A 219 -2.14 -12.00 -3.57
CA HIS A 219 -2.89 -12.52 -4.71
C HIS A 219 -3.74 -13.71 -4.27
N TYR A 220 -3.21 -14.57 -3.41
CA TYR A 220 -3.93 -15.73 -2.88
C TYR A 220 -4.99 -15.33 -1.82
N TYR A 221 -4.66 -14.50 -0.85
CA TYR A 221 -5.61 -14.21 0.23
C TYR A 221 -6.52 -13.08 0.03
N VAL A 222 -6.01 -11.99 -0.55
CA VAL A 222 -6.80 -10.76 -0.71
C VAL A 222 -7.47 -10.70 -2.09
N ASP A 223 -6.75 -11.11 -3.16
CA ASP A 223 -7.37 -11.17 -4.49
C ASP A 223 -8.16 -12.46 -4.66
N HIS A 224 -8.11 -13.37 -3.66
CA HIS A 224 -8.85 -14.64 -3.66
C HIS A 224 -8.62 -15.50 -4.90
N ASN A 225 -7.36 -15.55 -5.35
CA ASN A 225 -7.02 -16.33 -6.52
C ASN A 225 -6.34 -17.59 -6.04
N ASN A 226 -7.04 -18.74 -6.15
CA ASN A 226 -6.55 -20.05 -5.68
C ASN A 226 -5.34 -20.62 -6.40
N SER A 227 -5.09 -20.22 -7.65
CA SER A 227 -3.94 -20.72 -8.41
C SER A 227 -2.61 -20.30 -7.75
N PHE A 228 -2.66 -19.30 -6.85
CA PHE A 228 -1.52 -18.77 -6.11
C PHE A 228 -1.27 -19.49 -4.80
N LYS A 229 -2.05 -20.49 -4.50
CA LYS A 229 -1.98 -21.26 -3.24
C LYS A 229 -0.61 -21.90 -2.99
N ASP A 230 -0.16 -22.73 -3.94
CA ASP A 230 1.12 -23.44 -3.84
C ASP A 230 2.27 -22.51 -3.53
N ASP A 231 2.41 -21.40 -4.27
CA ASP A 231 3.48 -20.43 -4.04
C ASP A 231 3.34 -19.69 -2.71
N ALA A 232 2.12 -19.29 -2.32
CA ALA A 232 1.86 -18.58 -1.06
C ALA A 232 2.24 -19.44 0.14
N LEU A 233 1.89 -20.74 0.09
CA LEU A 233 2.20 -21.68 1.17
C LEU A 233 3.72 -21.89 1.27
N LYS A 234 4.43 -21.97 0.11
CA LYS A 234 5.89 -22.08 0.06
C LYS A 234 6.53 -20.88 0.76
N ILE A 235 6.05 -19.66 0.44
CA ILE A 235 6.54 -18.43 1.02
C ILE A 235 6.22 -18.40 2.52
N ALA A 236 4.98 -18.76 2.90
CA ALA A 236 4.50 -18.81 4.28
C ALA A 236 5.41 -19.70 5.11
N HIS A 237 5.69 -20.93 4.63
CA HIS A 237 6.55 -21.90 5.30
C HIS A 237 7.93 -21.31 5.57
N ALA A 238 8.55 -20.68 4.55
CA ALA A 238 9.88 -20.08 4.67
C ALA A 238 9.85 -18.89 5.62
N TYR A 239 8.84 -18.02 5.50
CA TYR A 239 8.65 -16.86 6.35
C TYR A 239 8.56 -17.24 7.84
N LEU A 240 7.70 -18.24 8.20
CA LEU A 240 7.49 -18.72 9.57
C LEU A 240 8.75 -19.32 10.20
N GLN A 241 9.59 -19.95 9.38
CA GLN A 241 10.86 -20.55 9.81
C GLN A 241 11.99 -19.53 9.96
N LEU A 242 12.25 -18.74 8.91
CA LEU A 242 13.38 -17.82 8.81
C LEU A 242 13.26 -16.46 9.48
N PHE A 243 12.07 -15.90 9.49
CA PHE A 243 11.84 -14.57 10.01
C PHE A 243 11.45 -14.63 11.48
N PRO A 244 11.74 -13.58 12.27
CA PRO A 244 11.32 -13.61 13.68
C PRO A 244 9.78 -13.53 13.84
N THR A 245 9.23 -14.37 14.70
CA THR A 245 7.80 -14.40 14.97
C THR A 245 7.45 -13.09 15.74
N PRO A 246 6.45 -12.30 15.29
CA PRO A 246 6.04 -11.13 16.09
C PRO A 246 5.30 -11.55 17.37
N TYR A 247 5.35 -10.74 18.41
CA TYR A 247 4.59 -10.99 19.62
C TYR A 247 3.22 -10.43 19.27
N GLN A 248 2.22 -11.31 19.23
CA GLN A 248 0.88 -10.95 18.77
C GLN A 248 -0.17 -10.94 19.87
N VAL A 249 -0.85 -9.78 20.04
CA VAL A 249 -1.90 -9.64 21.09
C VAL A 249 -3.21 -9.19 20.44
N CYS A 250 -4.32 -9.88 20.78
CA CYS A 250 -5.63 -9.63 20.18
C CYS A 250 -6.71 -9.27 21.18
N TYR A 251 -7.70 -8.51 20.71
CA TYR A 251 -8.79 -7.95 21.51
C TYR A 251 -10.08 -7.87 20.70
N GLU A 252 -11.22 -7.98 21.39
CA GLU A 252 -12.54 -7.85 20.77
C GLU A 252 -13.22 -6.63 21.38
N TRP A 253 -13.90 -5.84 20.54
CA TRP A 253 -14.64 -4.66 21.01
C TRP A 253 -15.97 -5.16 21.53
N LYS A 254 -16.20 -4.98 22.84
CA LYS A 254 -17.42 -5.44 23.46
C LYS A 254 -17.86 -4.47 24.53
N ALA A 255 -18.98 -3.76 24.26
CA ALA A 255 -19.62 -2.78 25.14
C ALA A 255 -18.70 -1.61 25.54
N ARG A 256 -18.34 -0.76 24.54
CA ARG A 256 -17.50 0.44 24.67
C ARG A 256 -16.05 0.26 25.20
N TRP A 257 -15.52 -1.00 25.18
CA TRP A 257 -14.15 -1.31 25.62
C TRP A 257 -13.55 -2.46 24.83
N PHE A 258 -12.21 -2.53 24.79
CA PHE A 258 -11.51 -3.69 24.21
C PHE A 258 -11.36 -4.70 25.33
N ASN A 259 -11.59 -5.97 25.01
CA ASN A 259 -11.46 -7.10 25.93
C ASN A 259 -10.51 -8.12 25.26
N LYS A 260 -9.53 -8.65 26.03
CA LYS A 260 -8.52 -9.60 25.56
C LYS A 260 -9.20 -10.80 24.92
N ILE A 261 -8.59 -11.35 23.88
CA ILE A 261 -9.09 -12.56 23.24
C ILE A 261 -7.88 -13.31 22.65
N ASP A 262 -7.95 -14.65 22.57
CA ASP A 262 -6.91 -15.44 21.93
C ASP A 262 -6.93 -15.11 20.42
N CYS A 263 -5.75 -14.87 19.83
CA CYS A 263 -5.60 -14.51 18.43
C CYS A 263 -6.04 -15.60 17.53
N LEU A 264 -5.78 -16.84 17.94
CA LEU A 264 -6.19 -17.96 17.11
C LEU A 264 -7.69 -18.20 17.19
N LYS A 265 -8.32 -17.80 18.31
CA LYS A 265 -9.78 -17.84 18.43
C LYS A 265 -10.35 -16.78 17.46
N LEU A 266 -9.66 -15.62 17.36
CA LEU A 266 -10.01 -14.50 16.49
C LEU A 266 -10.18 -14.85 15.02
N GLU A 267 -9.25 -15.65 14.43
CA GLU A 267 -9.28 -16.07 13.03
C GLU A 267 -10.52 -16.91 12.69
N ARG A 268 -11.23 -17.43 13.71
CA ARG A 268 -12.45 -18.21 13.54
C ARG A 268 -13.71 -17.33 13.40
N LEU A 269 -13.59 -16.02 13.74
CA LEU A 269 -14.74 -15.11 13.78
C LEU A 269 -15.18 -14.33 12.49
N LYS A 270 -15.88 -15.04 11.58
CA LYS A 270 -16.45 -14.58 10.31
C LYS A 270 -15.42 -14.03 9.35
N ALA B 24 -14.29 10.54 -27.80
CA ALA B 24 -13.56 9.89 -26.72
C ALA B 24 -13.69 10.67 -25.41
N THR B 25 -13.43 11.99 -25.46
CA THR B 25 -13.58 12.95 -24.37
C THR B 25 -15.05 13.03 -23.90
N ASN B 26 -16.02 12.83 -24.81
CA ASN B 26 -17.45 12.79 -24.49
C ASN B 26 -17.75 11.63 -23.54
N ASP B 27 -17.21 10.43 -23.86
CA ASP B 27 -17.36 9.23 -23.03
C ASP B 27 -16.75 9.43 -21.66
N GLU B 28 -15.57 10.08 -21.60
CA GLU B 28 -14.87 10.32 -20.34
C GLU B 28 -15.63 11.28 -19.46
N GLU B 29 -16.26 12.31 -20.04
CA GLU B 29 -17.06 13.26 -19.27
C GLU B 29 -18.25 12.53 -18.67
N LYS B 30 -18.91 11.65 -19.45
CA LYS B 30 -20.03 10.82 -19.03
C LYS B 30 -19.62 9.91 -17.89
N LEU B 31 -18.44 9.27 -17.99
CA LEU B 31 -17.92 8.37 -16.97
C LEU B 31 -17.68 9.08 -15.64
N ALA B 32 -17.13 10.32 -15.68
CA ALA B 32 -16.83 11.11 -14.48
C ALA B 32 -18.12 11.49 -13.74
N ASP B 33 -19.18 11.86 -14.49
CA ASP B 33 -20.49 12.16 -13.89
C ASP B 33 -21.14 10.91 -13.29
N ILE B 34 -20.97 9.72 -13.93
CA ILE B 34 -21.44 8.43 -13.42
C ILE B 34 -20.76 8.17 -12.06
N VAL B 35 -19.43 8.37 -11.96
CA VAL B 35 -18.67 8.17 -10.71
C VAL B 35 -19.13 9.18 -9.67
N GLU B 36 -19.10 10.47 -10.04
CA GLU B 36 -19.52 11.54 -9.16
C GLU B 36 -20.93 11.33 -8.59
N ASN B 37 -21.92 10.99 -9.45
CA ASN B 37 -23.31 10.78 -9.01
C ASN B 37 -23.38 9.66 -7.99
N GLU B 38 -22.62 8.56 -8.22
CA GLU B 38 -22.56 7.43 -7.31
C GLU B 38 -21.94 7.83 -5.96
N ILE B 39 -20.76 8.52 -5.93
CA ILE B 39 -20.16 8.98 -4.66
C ILE B 39 -21.17 9.88 -3.91
N GLU B 40 -21.79 10.82 -4.65
CA GLU B 40 -22.80 11.75 -4.17
C GLU B 40 -23.99 11.00 -3.53
N LYS B 41 -24.56 9.99 -4.24
CA LYS B 41 -25.66 9.11 -3.80
C LYS B 41 -25.29 8.39 -2.51
N GLU B 42 -24.05 7.89 -2.44
CA GLU B 42 -23.50 7.18 -1.28
C GLU B 42 -23.34 8.12 -0.07
N ILE B 43 -22.90 9.37 -0.29
CA ILE B 43 -22.73 10.33 0.81
C ILE B 43 -24.07 10.68 1.53
N GLU B 55 -17.71 4.37 2.60
CA GLU B 55 -18.17 3.01 2.82
C GLU B 55 -17.71 2.01 1.74
N ASN B 56 -17.91 2.36 0.44
CA ASN B 56 -17.51 1.52 -0.71
C ASN B 56 -16.31 2.10 -1.46
N PHE B 57 -15.47 1.21 -2.03
CA PHE B 57 -14.25 1.66 -2.70
C PHE B 57 -14.06 1.22 -4.14
N TYR B 58 -14.61 0.06 -4.52
CA TYR B 58 -14.43 -0.47 -5.87
C TYR B 58 -15.73 -0.63 -6.63
N TYR B 59 -15.74 -0.22 -7.91
CA TYR B 59 -16.94 -0.32 -8.75
C TYR B 59 -16.62 -0.75 -10.16
N TYR B 60 -17.65 -1.24 -10.86
CA TYR B 60 -17.57 -1.49 -12.29
C TYR B 60 -18.59 -0.59 -12.98
N ILE B 61 -18.21 -0.04 -14.13
CA ILE B 61 -19.13 0.72 -14.97
C ILE B 61 -19.32 -0.14 -16.20
N LEU B 62 -20.58 -0.43 -16.49
CA LEU B 62 -20.97 -1.26 -17.61
C LEU B 62 -21.03 -0.44 -18.90
N ARG B 63 -21.05 -1.11 -20.07
CA ARG B 63 -21.10 -0.46 -21.39
C ARG B 63 -22.33 0.43 -21.54
N ASP B 64 -23.41 0.11 -20.78
CA ASP B 64 -24.67 0.84 -20.77
C ASP B 64 -24.65 2.01 -19.76
N GLY B 65 -23.52 2.22 -19.08
CA GLY B 65 -23.35 3.31 -18.12
C GLY B 65 -23.78 3.01 -16.70
N LYS B 66 -24.31 1.79 -16.42
CA LYS B 66 -24.69 1.43 -15.06
C LYS B 66 -23.48 1.20 -14.19
N ILE B 67 -23.56 1.64 -12.92
CA ILE B 67 -22.45 1.49 -11.97
C ILE B 67 -22.82 0.53 -10.82
N TYR B 68 -21.95 -0.43 -10.51
CA TYR B 68 -22.19 -1.38 -9.42
C TYR B 68 -20.95 -1.58 -8.55
N PRO B 69 -21.10 -1.78 -7.21
CA PRO B 69 -19.94 -2.14 -6.38
C PRO B 69 -19.35 -3.46 -6.91
N ALA B 70 -18.02 -3.48 -7.15
CA ALA B 70 -17.27 -4.58 -7.75
C ALA B 70 -17.43 -5.95 -7.10
N SER B 71 -17.40 -6.01 -5.75
CA SER B 71 -17.52 -7.21 -4.93
C SER B 71 -18.83 -7.99 -5.16
N ASP B 72 -19.97 -7.26 -5.16
CA ASP B 72 -21.30 -7.85 -5.36
C ASP B 72 -21.50 -8.25 -6.82
N TYR B 73 -20.91 -7.49 -7.77
CA TYR B 73 -20.99 -7.78 -9.21
C TYR B 73 -20.27 -9.10 -9.51
N ASP B 74 -19.09 -9.31 -8.87
CA ASP B 74 -18.29 -10.54 -9.02
C ASP B 74 -19.06 -11.78 -8.61
N ILE B 75 -19.91 -11.67 -7.56
CA ILE B 75 -20.76 -12.77 -7.05
C ILE B 75 -21.84 -13.07 -8.09
N GLU B 76 -22.47 -12.03 -8.67
CA GLU B 76 -23.50 -12.15 -9.71
C GLU B 76 -22.94 -12.78 -11.00
N VAL B 77 -21.68 -12.40 -11.36
CA VAL B 77 -20.95 -12.91 -12.53
C VAL B 77 -20.79 -14.43 -12.43
N GLU B 78 -20.24 -14.91 -11.30
CA GLU B 78 -20.03 -16.32 -11.05
C GLU B 78 -21.34 -17.12 -10.96
N LYS B 79 -22.44 -16.51 -10.46
CA LYS B 79 -23.79 -17.11 -10.41
C LYS B 79 -24.37 -17.26 -11.82
N GLY B 80 -23.82 -16.53 -12.78
CA GLY B 80 -24.31 -16.52 -14.15
C GLY B 80 -25.40 -15.50 -14.37
N LYS B 81 -25.64 -14.62 -13.38
CA LYS B 81 -26.65 -13.56 -13.45
C LYS B 81 -26.15 -12.37 -14.27
N ARG B 82 -24.91 -11.93 -13.99
CA ARG B 82 -24.30 -10.81 -14.70
C ARG B 82 -23.13 -11.29 -15.56
N SER B 83 -22.76 -10.51 -16.56
CA SER B 83 -21.67 -10.85 -17.48
C SER B 83 -20.46 -9.98 -17.23
N ALA B 84 -19.27 -10.61 -17.16
CA ALA B 84 -18.00 -9.91 -17.01
C ALA B 84 -17.64 -9.19 -18.31
N ASN B 85 -18.26 -9.59 -19.44
CA ASN B 85 -18.06 -9.00 -20.78
C ASN B 85 -18.67 -7.60 -20.87
N ASP B 86 -19.61 -7.29 -19.98
CA ASP B 86 -20.30 -6.02 -19.89
C ASP B 86 -19.48 -4.94 -19.15
N ILE B 87 -18.39 -5.32 -18.45
CA ILE B 87 -17.54 -4.36 -17.71
C ILE B 87 -16.76 -3.49 -18.69
N TYR B 88 -16.95 -2.18 -18.60
CA TYR B 88 -16.32 -1.19 -19.46
C TYR B 88 -15.22 -0.38 -18.72
N ALA B 89 -15.45 -0.10 -17.44
CA ALA B 89 -14.52 0.66 -16.60
C ALA B 89 -14.47 0.11 -15.18
N PHE B 90 -13.26 0.14 -14.58
CA PHE B 90 -13.02 -0.27 -13.20
C PHE B 90 -12.73 1.00 -12.40
N VAL B 91 -13.42 1.18 -11.27
CA VAL B 91 -13.29 2.36 -10.42
C VAL B 91 -12.66 2.00 -9.09
N GLU B 92 -11.58 2.71 -8.70
CA GLU B 92 -10.92 2.57 -7.41
C GLU B 92 -11.09 3.91 -6.68
N THR B 93 -11.78 3.88 -5.55
CA THR B 93 -12.02 5.07 -4.73
C THR B 93 -11.13 5.07 -3.50
N ASP B 94 -10.35 6.13 -3.33
CA ASP B 94 -9.52 6.34 -2.15
C ASP B 94 -10.19 7.50 -1.41
N VAL B 95 -10.17 7.44 -0.09
CA VAL B 95 -10.73 8.46 0.77
C VAL B 95 -9.59 9.02 1.61
N THR B 96 -9.50 10.35 1.67
CA THR B 96 -8.42 11.02 2.37
C THR B 96 -8.90 12.15 3.28
N ARG B 97 -8.10 12.50 4.28
CA ARG B 97 -8.37 13.56 5.23
C ARG B 97 -7.20 14.55 5.34
N ASP B 98 -6.14 14.31 4.56
CA ASP B 98 -4.95 15.17 4.49
C ASP B 98 -4.88 15.75 3.07
N PHE B 99 -4.82 17.10 2.96
CA PHE B 99 -4.79 17.78 1.67
C PHE B 99 -3.54 17.53 0.80
N ASP B 100 -2.36 17.31 1.43
CA ASP B 100 -1.11 16.98 0.74
C ASP B 100 -1.24 15.60 0.07
N GLU B 101 -1.85 14.62 0.79
CA GLU B 101 -2.07 13.25 0.34
C GLU B 101 -3.07 13.23 -0.79
N PHE B 102 -4.14 14.02 -0.65
CA PHE B 102 -5.19 14.17 -1.66
C PHE B 102 -4.56 14.65 -2.98
N LEU B 103 -3.76 15.73 -2.90
CA LEU B 103 -3.08 16.30 -4.04
C LEU B 103 -2.09 15.31 -4.65
N PHE B 104 -1.34 14.58 -3.81
CA PHE B 104 -0.39 13.58 -4.30
C PHE B 104 -1.11 12.46 -5.04
N ASP B 105 -2.23 11.95 -4.45
CA ASP B 105 -3.04 10.86 -5.03
C ASP B 105 -3.60 11.24 -6.37
N ILE B 106 -4.12 12.45 -6.50
CA ILE B 106 -4.74 12.91 -7.72
C ILE B 106 -3.76 13.25 -8.84
N ASP B 107 -2.57 13.75 -8.48
CA ASP B 107 -1.56 14.15 -9.45
C ASP B 107 -0.48 13.14 -9.79
N TYR B 108 0.05 12.45 -8.78
CA TYR B 108 1.20 11.54 -8.93
C TYR B 108 0.94 10.11 -8.52
N GLY B 109 -0.26 9.78 -8.08
CA GLY B 109 -0.59 8.43 -7.62
C GLY B 109 -0.55 7.40 -8.72
N LEU B 110 0.27 6.36 -8.54
CA LEU B 110 0.39 5.27 -9.52
C LEU B 110 -0.75 4.22 -9.34
N PRO B 111 -1.29 3.66 -10.45
CA PRO B 111 -2.27 2.55 -10.32
C PRO B 111 -1.58 1.28 -9.86
N SER B 112 -2.35 0.25 -9.42
CA SER B 112 -1.70 -0.98 -8.99
C SER B 112 -1.18 -1.69 -10.24
N ILE B 113 0.13 -2.02 -10.29
CA ILE B 113 0.72 -2.71 -11.43
C ILE B 113 0.07 -4.09 -11.66
N SER B 114 -0.36 -4.77 -10.57
CA SER B 114 -1.09 -6.05 -10.63
C SER B 114 -2.40 -5.90 -11.41
N ASP B 115 -3.17 -4.81 -11.13
CA ASP B 115 -4.43 -4.54 -11.83
C ASP B 115 -4.23 -4.29 -13.31
N ILE B 116 -3.30 -3.38 -13.68
CA ILE B 116 -3.04 -3.06 -15.09
C ILE B 116 -2.55 -4.25 -15.87
N LEU B 117 -1.66 -5.05 -15.27
CA LEU B 117 -1.17 -6.28 -15.91
C LEU B 117 -2.33 -7.23 -16.16
N LYS B 118 -3.16 -7.48 -15.12
CA LYS B 118 -4.34 -8.35 -15.23
C LYS B 118 -5.29 -7.84 -16.36
N PHE B 119 -5.62 -6.55 -16.30
CA PHE B 119 -6.48 -5.88 -17.28
C PHE B 119 -5.92 -5.93 -18.70
N TYR B 120 -4.61 -5.69 -18.87
CA TYR B 120 -3.96 -5.75 -20.20
C TYR B 120 -3.99 -7.16 -20.74
N LEU B 121 -3.54 -8.15 -19.93
CA LEU B 121 -3.53 -9.55 -20.33
C LEU B 121 -4.88 -10.01 -20.86
N GLU B 122 -5.95 -9.71 -20.10
CA GLU B 122 -7.33 -10.09 -20.46
C GLU B 122 -7.87 -9.41 -21.68
N LYS B 123 -7.53 -8.14 -21.85
CA LYS B 123 -7.94 -7.37 -23.02
C LYS B 123 -7.20 -7.88 -24.26
N ALA B 124 -5.95 -8.39 -24.11
CA ALA B 124 -5.15 -8.94 -25.20
C ALA B 124 -5.57 -10.40 -25.58
N GLY B 125 -6.49 -10.98 -24.84
CA GLY B 125 -7.00 -12.33 -25.12
C GLY B 125 -6.51 -13.42 -24.20
N PHE B 126 -5.54 -13.12 -23.31
CA PHE B 126 -5.01 -14.09 -22.36
C PHE B 126 -5.96 -14.29 -21.23
N ARG B 127 -5.83 -15.40 -20.56
CA ARG B 127 -6.64 -15.69 -19.40
C ARG B 127 -5.69 -16.11 -18.25
N ILE B 128 -5.95 -15.61 -17.05
CA ILE B 128 -5.12 -15.95 -15.88
C ILE B 128 -5.88 -17.03 -15.14
N ALA B 129 -5.18 -18.11 -14.74
CA ALA B 129 -5.78 -19.22 -13.99
C ALA B 129 -6.58 -18.66 -12.80
N ASN B 130 -7.83 -19.14 -12.61
CA ASN B 130 -8.76 -18.72 -11.57
C ASN B 130 -9.33 -17.34 -11.71
N GLU B 131 -9.07 -16.68 -12.82
CA GLU B 131 -9.63 -15.36 -13.05
C GLU B 131 -10.77 -15.44 -14.04
N VAL B 132 -11.90 -14.76 -13.73
CA VAL B 132 -12.96 -14.60 -14.71
C VAL B 132 -12.50 -13.39 -15.53
N PRO B 133 -12.26 -13.53 -16.85
CA PRO B 133 -11.73 -12.38 -17.62
C PRO B 133 -12.72 -11.26 -17.87
N THR B 134 -12.20 -10.03 -18.02
CA THR B 134 -12.96 -8.80 -18.30
C THR B 134 -12.35 -8.30 -19.62
N PRO B 135 -12.70 -8.93 -20.77
CA PRO B 135 -12.03 -8.57 -22.02
C PRO B 135 -12.35 -7.23 -22.68
N ASN B 136 -13.47 -6.59 -22.32
CA ASN B 136 -13.90 -5.34 -22.94
C ASN B 136 -13.69 -4.08 -22.06
N LEU B 137 -12.83 -4.19 -21.03
CA LEU B 137 -12.46 -3.13 -20.09
C LEU B 137 -11.60 -2.13 -20.84
N LYS B 138 -12.06 -0.90 -20.91
CA LYS B 138 -11.30 0.13 -21.61
C LYS B 138 -10.62 1.08 -20.63
N TYR B 139 -11.33 1.43 -19.54
CA TYR B 139 -10.86 2.44 -18.62
C TYR B 139 -10.61 2.02 -17.20
N TYR B 140 -9.59 2.67 -16.61
CA TYR B 140 -9.24 2.55 -15.21
C TYR B 140 -9.56 3.93 -14.63
N ILE B 141 -10.40 3.96 -13.59
CA ILE B 141 -10.79 5.22 -12.97
C ILE B 141 -10.34 5.27 -11.51
N HIS B 142 -9.66 6.34 -11.15
CA HIS B 142 -9.23 6.56 -9.78
C HIS B 142 -9.97 7.81 -9.27
N ALA B 143 -10.84 7.62 -8.29
CA ALA B 143 -11.61 8.67 -7.66
C ALA B 143 -11.03 8.93 -6.29
N VAL B 144 -10.76 10.19 -5.96
CA VAL B 144 -10.21 10.54 -4.65
C VAL B 144 -11.14 11.52 -3.97
N VAL B 145 -11.60 11.17 -2.76
CA VAL B 145 -12.48 12.04 -1.98
C VAL B 145 -11.71 12.58 -0.78
N GLU B 146 -11.69 13.91 -0.64
CA GLU B 146 -11.05 14.63 0.47
C GLU B 146 -12.12 15.02 1.49
N PHE B 147 -11.95 14.61 2.78
CA PHE B 147 -12.88 14.94 3.88
C PHE B 147 -12.44 16.09 4.75
N PRO B 152 -17.34 15.87 3.89
CA PRO B 152 -16.72 15.84 2.57
C PRO B 152 -16.44 17.24 2.03
N GLN B 153 -15.30 17.41 1.36
CA GLN B 153 -14.91 18.70 0.80
C GLN B 153 -14.75 18.65 -0.72
N TYR B 154 -13.94 17.68 -1.24
CA TYR B 154 -13.65 17.59 -2.67
C TYR B 154 -13.62 16.18 -3.22
N LEU B 155 -13.85 16.09 -4.53
CA LEU B 155 -13.77 14.88 -5.32
C LEU B 155 -12.96 15.19 -6.57
N ALA B 156 -12.06 14.29 -6.92
CA ALA B 156 -11.28 14.35 -8.13
C ALA B 156 -11.43 12.98 -8.77
N VAL B 157 -11.85 12.98 -10.05
CA VAL B 157 -12.06 11.76 -10.84
C VAL B 157 -11.01 11.74 -11.96
N ASN B 158 -10.14 10.76 -11.94
CA ASN B 158 -9.10 10.59 -12.94
C ASN B 158 -9.40 9.39 -13.81
N ILE B 159 -9.55 9.62 -15.13
CA ILE B 159 -9.85 8.57 -16.10
C ILE B 159 -8.66 8.24 -17.00
N TYR B 160 -8.22 6.99 -16.95
CA TYR B 160 -7.08 6.54 -17.72
C TYR B 160 -7.52 5.45 -18.70
N ASP B 161 -6.94 5.48 -19.88
CA ASP B 161 -7.11 4.44 -20.89
C ASP B 161 -6.12 3.32 -20.48
N ILE B 162 -6.61 2.08 -20.31
CA ILE B 162 -5.82 0.94 -19.86
C ILE B 162 -4.63 0.59 -20.77
N ASP B 163 -4.85 0.58 -22.09
CA ASP B 163 -3.80 0.31 -23.08
C ASP B 163 -2.65 1.28 -22.96
N SER B 164 -2.99 2.59 -22.85
CA SER B 164 -2.03 3.70 -22.74
C SER B 164 -1.20 3.53 -21.48
N LEU B 165 -1.87 3.24 -20.39
CA LEU B 165 -1.22 2.96 -19.11
C LEU B 165 -0.28 1.74 -19.18
N ALA B 166 -0.75 0.63 -19.80
CA ALA B 166 0.05 -0.61 -19.95
C ALA B 166 1.32 -0.36 -20.76
N ARG B 167 1.21 0.45 -21.84
CA ARG B 167 2.33 0.81 -22.69
C ARG B 167 3.38 1.59 -21.90
N ALA B 168 2.95 2.59 -21.09
CA ALA B 168 3.85 3.42 -20.25
C ALA B 168 4.55 2.58 -19.17
N LEU B 169 3.89 1.50 -18.74
CA LEU B 169 4.42 0.57 -17.75
C LEU B 169 5.30 -0.46 -18.41
N ARG B 170 5.38 -0.38 -19.74
CA ARG B 170 6.22 -1.23 -20.57
C ARG B 170 5.77 -2.71 -20.44
N ILE B 171 4.44 -2.95 -20.35
CA ILE B 171 3.80 -4.27 -20.21
C ILE B 171 3.70 -5.10 -21.55
N PRO B 172 3.27 -4.51 -22.69
CA PRO B 172 3.13 -5.29 -23.92
C PRO B 172 4.38 -6.03 -24.40
N GLN B 173 5.53 -5.38 -24.36
CA GLN B 173 6.79 -5.95 -24.82
C GLN B 173 7.23 -7.14 -23.97
N ILE B 174 7.01 -7.05 -22.65
CA ILE B 174 7.36 -8.13 -21.73
C ILE B 174 6.42 -9.32 -21.90
N VAL B 175 5.11 -9.05 -22.05
CA VAL B 175 4.11 -10.11 -22.29
C VAL B 175 4.44 -10.83 -23.60
N GLU B 176 4.80 -10.07 -24.65
CA GLU B 176 5.16 -10.64 -25.95
C GLU B 176 6.43 -11.49 -25.89
N GLN B 177 7.48 -10.98 -25.24
CA GLN B 177 8.75 -11.70 -25.08
C GLN B 177 8.55 -12.99 -24.27
N LYS B 178 7.74 -12.93 -23.21
CA LYS B 178 7.52 -14.06 -22.32
C LYS B 178 6.45 -15.08 -22.78
N LEU B 179 5.32 -14.60 -23.34
CA LEU B 179 4.21 -15.50 -23.70
C LEU B 179 3.97 -15.70 -25.17
N GLY B 180 4.37 -14.72 -25.98
CA GLY B 180 4.12 -14.71 -27.42
C GLY B 180 2.86 -13.93 -27.72
N ASN B 181 2.22 -14.27 -28.86
CA ASN B 181 0.97 -13.64 -29.34
C ASN B 181 -0.29 -14.55 -29.28
N LYS B 182 -0.10 -15.87 -29.20
CA LYS B 182 -1.21 -16.85 -29.18
C LYS B 182 -2.03 -16.85 -27.87
N PRO B 183 -3.34 -16.46 -27.94
CA PRO B 183 -4.17 -16.36 -26.73
C PRO B 183 -4.28 -17.64 -25.93
N ARG B 184 -3.91 -17.55 -24.65
CA ARG B 184 -4.05 -18.75 -23.83
C ARG B 184 -4.22 -18.42 -22.36
N THR B 185 -4.54 -19.46 -21.57
CA THR B 185 -4.60 -19.37 -20.13
C THR B 185 -3.16 -19.50 -19.64
N ILE B 186 -2.74 -18.56 -18.80
CA ILE B 186 -1.41 -18.55 -18.21
C ILE B 186 -1.49 -19.00 -16.75
N THR B 187 -0.42 -19.60 -16.24
CA THR B 187 -0.38 -20.06 -14.85
C THR B 187 -0.10 -18.87 -13.92
N ALA B 188 -0.25 -19.09 -12.59
CA ALA B 188 0.08 -18.10 -11.56
C ALA B 188 1.58 -17.79 -11.64
N ASP B 189 2.41 -18.84 -11.89
CA ASP B 189 3.86 -18.69 -12.03
C ASP B 189 4.24 -17.77 -13.17
N GLU B 190 3.56 -17.92 -14.32
CA GLU B 190 3.77 -17.06 -15.50
C GLU B 190 3.36 -15.61 -15.24
N PHE B 191 2.24 -15.43 -14.51
CA PHE B 191 1.75 -14.10 -14.14
C PHE B 191 2.81 -13.48 -13.24
N ASN B 192 3.29 -14.23 -12.23
CA ASN B 192 4.32 -13.78 -11.28
C ASN B 192 5.64 -13.40 -11.95
N ASP B 193 6.12 -14.22 -12.93
CA ASP B 193 7.35 -13.96 -13.67
C ASP B 193 7.25 -12.65 -14.41
N ILE B 194 6.09 -12.39 -15.07
CA ILE B 194 5.85 -11.12 -15.78
C ILE B 194 5.77 -9.99 -14.78
N GLU B 195 4.99 -10.15 -13.70
CA GLU B 195 4.83 -9.14 -12.64
C GLU B 195 6.18 -8.69 -12.07
N ARG B 196 7.08 -9.64 -11.77
CA ARG B 196 8.42 -9.35 -11.25
C ARG B 196 9.22 -8.44 -12.21
N ILE B 197 9.17 -8.76 -13.49
CA ILE B 197 9.91 -8.00 -14.49
C ILE B 197 9.42 -6.58 -14.55
N VAL B 198 8.10 -6.41 -14.72
CA VAL B 198 7.44 -5.12 -14.87
C VAL B 198 7.51 -4.23 -13.65
N ALA B 199 7.46 -4.81 -12.44
CA ALA B 199 7.46 -4.02 -11.19
C ALA B 199 8.82 -3.81 -10.57
N GLU B 200 9.74 -4.77 -10.74
CA GLU B 200 11.05 -4.78 -10.05
C GLU B 200 12.27 -4.74 -10.96
N GLU B 201 12.13 -4.98 -12.25
CA GLU B 201 13.34 -5.05 -13.06
C GLU B 201 13.51 -4.05 -14.19
N GLN B 202 12.40 -3.58 -14.74
CA GLN B 202 12.44 -2.66 -15.85
C GLN B 202 12.39 -1.20 -15.38
N PRO B 203 13.40 -0.36 -15.69
CA PRO B 203 13.33 1.06 -15.33
C PRO B 203 12.21 1.74 -16.12
N ILE B 204 11.29 2.45 -15.46
CA ILE B 204 10.17 3.08 -16.17
C ILE B 204 10.21 4.59 -16.06
N LEU B 205 10.75 5.10 -14.93
CA LEU B 205 10.69 6.53 -14.61
C LEU B 205 11.99 7.03 -14.04
N ALA B 206 12.70 7.92 -14.79
CA ALA B 206 14.00 8.50 -14.40
C ALA B 206 15.03 7.42 -13.92
N GLY B 207 14.99 6.24 -14.58
CA GLY B 207 15.88 5.12 -14.31
C GLY B 207 15.45 4.20 -13.19
N TYR B 208 14.28 4.50 -12.58
CA TYR B 208 13.75 3.71 -11.48
C TYR B 208 12.71 2.71 -11.91
N THR B 209 12.56 1.62 -11.14
CA THR B 209 11.57 0.61 -11.42
C THR B 209 10.19 1.10 -10.90
N TYR B 210 9.10 0.38 -11.22
CA TYR B 210 7.80 0.73 -10.69
C TYR B 210 7.81 0.74 -9.12
N ASP B 211 8.45 -0.27 -8.47
CA ASP B 211 8.44 -0.37 -6.99
C ASP B 211 9.24 0.76 -6.33
N GLU B 212 10.36 1.19 -6.93
CA GLU B 212 11.10 2.34 -6.44
C GLU B 212 10.30 3.61 -6.67
N ALA B 213 9.60 3.70 -7.80
CA ALA B 213 8.79 4.89 -8.11
C ALA B 213 7.53 5.02 -7.19
N LEU B 214 7.13 3.93 -6.49
CA LEU B 214 6.08 4.00 -5.49
C LEU B 214 6.70 4.53 -4.18
N ARG B 215 7.83 3.95 -3.77
CA ARG B 215 8.56 4.22 -2.52
C ARG B 215 9.16 5.64 -2.39
N ILE B 216 9.96 6.07 -3.39
CA ILE B 216 10.66 7.37 -3.39
C ILE B 216 9.75 8.64 -3.36
N PRO B 217 8.77 8.84 -4.28
CA PRO B 217 7.96 10.07 -4.24
C PRO B 217 7.15 10.26 -2.96
N TYR B 218 6.33 9.27 -2.64
CA TYR B 218 5.50 9.19 -1.44
C TYR B 218 6.31 9.59 -0.15
N HIS B 219 7.61 9.17 -0.07
CA HIS B 219 8.65 9.48 0.94
C HIS B 219 8.74 11.01 1.08
N TYR B 220 8.87 11.70 -0.07
CA TYR B 220 8.99 13.15 -0.10
C TYR B 220 7.69 13.86 0.12
N TYR B 221 6.67 13.52 -0.70
CA TYR B 221 5.37 14.16 -0.76
C TYR B 221 4.39 13.93 0.39
N VAL B 222 4.35 12.72 0.93
CA VAL B 222 3.40 12.30 1.95
C VAL B 222 4.07 12.13 3.31
N ASP B 223 5.27 11.52 3.35
CA ASP B 223 6.00 11.38 4.62
C ASP B 223 6.73 12.69 4.98
N HIS B 224 6.73 13.68 4.09
CA HIS B 224 7.38 14.98 4.28
C HIS B 224 8.85 14.89 4.65
N ASN B 225 9.57 13.97 4.00
CA ASN B 225 10.99 13.79 4.21
C ASN B 225 11.72 14.50 3.08
N ASN B 226 12.36 15.64 3.39
CA ASN B 226 13.07 16.49 2.43
C ASN B 226 14.27 15.90 1.72
N SER B 227 14.95 14.90 2.32
CA SER B 227 16.13 14.27 1.73
C SER B 227 15.83 13.61 0.39
N PHE B 228 14.59 13.20 0.19
CA PHE B 228 14.19 12.54 -1.03
C PHE B 228 13.57 13.49 -2.08
N LYS B 229 13.72 14.83 -1.88
CA LYS B 229 13.27 15.89 -2.80
C LYS B 229 13.82 15.69 -4.23
N ASP B 230 15.14 15.67 -4.38
CA ASP B 230 15.77 15.57 -5.68
C ASP B 230 15.25 14.42 -6.51
N ASP B 231 15.24 13.20 -5.92
CA ASP B 231 14.78 12.00 -6.63
C ASP B 231 13.29 12.00 -6.89
N ALA B 232 12.48 12.46 -5.92
CA ALA B 232 11.02 12.52 -6.06
C ALA B 232 10.60 13.42 -7.20
N LEU B 233 11.26 14.59 -7.30
CA LEU B 233 10.98 15.57 -8.34
C LEU B 233 11.37 15.00 -9.69
N LYS B 234 12.50 14.28 -9.79
CA LYS B 234 12.95 13.63 -11.03
C LYS B 234 11.89 12.63 -11.50
N ILE B 235 11.38 11.80 -10.59
CA ILE B 235 10.35 10.81 -10.88
C ILE B 235 9.05 11.51 -11.31
N ALA B 236 8.63 12.55 -10.54
CA ALA B 236 7.42 13.34 -10.78
C ALA B 236 7.46 13.94 -12.19
N HIS B 237 8.58 14.57 -12.54
CA HIS B 237 8.77 15.20 -13.85
C HIS B 237 8.63 14.22 -14.98
N ALA B 238 9.27 13.03 -14.85
CA ALA B 238 9.21 11.97 -15.85
C ALA B 238 7.80 11.39 -15.94
N TYR B 239 7.15 11.15 -14.77
CA TYR B 239 5.80 10.62 -14.69
C TYR B 239 4.79 11.48 -15.46
N LEU B 240 4.83 12.82 -15.24
CA LEU B 240 3.93 13.78 -15.89
C LEU B 240 4.05 13.79 -17.40
N GLN B 241 5.26 13.53 -17.94
CA GLN B 241 5.46 13.54 -19.39
C GLN B 241 5.22 12.17 -20.03
N LEU B 242 5.80 11.11 -19.44
CA LEU B 242 5.76 9.77 -20.00
C LEU B 242 4.49 8.99 -19.83
N PHE B 243 3.81 9.16 -18.70
CA PHE B 243 2.59 8.44 -18.39
C PHE B 243 1.40 9.17 -19.00
N PRO B 244 0.36 8.46 -19.49
CA PRO B 244 -0.75 9.17 -20.17
C PRO B 244 -1.43 10.14 -19.22
N THR B 245 -1.67 11.39 -19.68
CA THR B 245 -2.37 12.41 -18.91
C THR B 245 -3.83 11.94 -18.76
N PRO B 246 -4.34 11.86 -17.53
CA PRO B 246 -5.71 11.37 -17.36
C PRO B 246 -6.72 12.42 -17.70
N TYR B 247 -7.94 11.97 -18.00
CA TYR B 247 -9.02 12.92 -18.19
C TYR B 247 -9.48 13.16 -16.73
N GLN B 248 -9.24 14.38 -16.25
CA GLN B 248 -9.42 14.74 -14.86
C GLN B 248 -10.60 15.68 -14.66
N VAL B 249 -11.55 15.26 -13.79
CA VAL B 249 -12.75 16.08 -13.48
C VAL B 249 -12.80 16.26 -11.96
N CYS B 250 -12.98 17.51 -11.51
CA CYS B 250 -12.99 17.90 -10.12
C CYS B 250 -14.31 18.53 -9.67
N TYR B 251 -14.60 18.37 -8.37
CA TYR B 251 -15.85 18.81 -7.74
C TYR B 251 -15.60 19.26 -6.32
N GLU B 252 -16.38 20.22 -5.86
CA GLU B 252 -16.34 20.70 -4.47
C GLU B 252 -17.67 20.41 -3.86
N TRP B 253 -17.66 19.93 -2.61
CA TRP B 253 -18.86 19.61 -1.87
C TRP B 253 -19.38 20.90 -1.27
N LYS B 254 -20.62 21.24 -1.62
CA LYS B 254 -21.33 22.45 -1.20
C LYS B 254 -22.83 22.18 -1.21
N ALA B 255 -23.45 22.33 -0.03
CA ALA B 255 -24.88 22.13 0.26
C ALA B 255 -25.53 20.81 -0.23
N ARG B 256 -24.99 19.65 0.18
CA ARG B 256 -25.50 18.31 -0.18
C ARG B 256 -25.16 17.86 -1.62
N TRP B 257 -24.29 18.61 -2.34
CA TRP B 257 -23.93 18.30 -3.72
C TRP B 257 -22.45 18.38 -3.99
N PHE B 258 -21.98 17.67 -5.03
CA PHE B 258 -20.64 17.82 -5.59
C PHE B 258 -20.86 18.76 -6.77
N ASN B 259 -20.07 19.84 -6.83
CA ASN B 259 -20.26 20.88 -7.83
C ASN B 259 -19.02 21.03 -8.64
N LYS B 260 -19.13 20.73 -9.94
CA LYS B 260 -18.04 20.70 -10.91
C LYS B 260 -17.28 22.00 -10.88
N ILE B 261 -15.97 21.88 -10.75
CA ILE B 261 -15.07 23.03 -10.69
C ILE B 261 -13.85 22.73 -11.56
N ASP B 262 -13.08 23.77 -11.86
CA ASP B 262 -11.82 23.61 -12.57
C ASP B 262 -10.84 22.94 -11.58
N CYS B 263 -10.11 21.93 -12.07
CA CYS B 263 -9.13 21.20 -11.27
C CYS B 263 -7.98 22.06 -10.83
N LEU B 264 -7.66 23.09 -11.62
CA LEU B 264 -6.58 24.02 -11.30
C LEU B 264 -6.88 24.80 -10.01
N LYS B 265 -8.17 25.11 -9.76
CA LYS B 265 -8.70 25.81 -8.57
C LYS B 265 -8.45 24.95 -7.33
N LEU B 266 -8.66 23.64 -7.48
CA LEU B 266 -8.44 22.63 -6.45
C LEU B 266 -6.94 22.63 -6.11
N GLU B 267 -6.07 22.53 -7.16
CA GLU B 267 -4.60 22.52 -7.09
C GLU B 267 -4.02 23.85 -6.60
N ARG B 268 -4.70 24.98 -6.86
CA ARG B 268 -4.31 26.34 -6.48
C ARG B 268 -4.68 26.72 -5.02
N LEU B 269 -5.74 26.11 -4.44
CA LEU B 269 -6.18 26.45 -3.06
C LEU B 269 -5.14 26.16 -1.97
C1 GOL C . -0.72 10.95 12.82
O1 GOL C . 0.65 10.66 13.11
C2 GOL C . -1.24 10.13 11.66
O2 GOL C . -2.64 10.34 11.53
C3 GOL C . -0.58 10.47 10.35
O3 GOL C . -1.08 9.64 9.30
C1 GOL D . 15.20 7.69 5.29
O1 GOL D . 14.00 6.95 5.15
C2 GOL D . 14.98 8.98 6.04
O2 GOL D . 15.28 10.08 5.19
C3 GOL D . 15.77 9.10 7.33
O3 GOL D . 15.03 9.81 8.31
S SO4 E . 7.26 1.28 1.52
S SO4 E . 6.89 -2.00 1.21
O1 SO4 E . 8.40 0.52 2.01
O1 SO4 E . 7.86 -0.92 1.15
O2 SO4 E . 6.17 1.34 2.49
O2 SO4 E . 7.48 -3.10 1.95
O3 SO4 E . 7.71 2.64 1.22
O3 SO4 E . 5.67 -1.54 1.85
O4 SO4 E . 6.73 0.64 0.31
O4 SO4 E . 6.53 -2.44 -0.13
S SO4 F . 0.62 -3.78 -6.55
O1 SO4 F . 0.90 -5.20 -6.81
O2 SO4 F . 1.51 -3.26 -5.50
O3 SO4 F . 0.83 -2.97 -7.74
O4 SO4 F . -0.77 -3.67 -6.09
S SO4 G . -16.15 -2.75 -2.42
O1 SO4 G . -15.39 -3.98 -2.68
O2 SO4 G . -16.80 -2.84 -1.11
O3 SO4 G . -15.22 -1.62 -2.40
O4 SO4 G . -17.17 -2.58 -3.45
#